data_3F58
#
_entry.id   3F58
#
_cell.length_a   95.470
_cell.length_b   115.460
_cell.length_c   49.580
_cell.angle_alpha   90.00
_cell.angle_beta   90.00
_cell.angle_gamma   90.00
#
_symmetry.space_group_name_H-M   'P 21 21 2'
#
loop_
_entity.id
_entity.type
_entity.pdbx_description
1 polymer 'PROTEIN (IMMUNOGLOBULIN GAMMA I (58.2))'
2 polymer 'PROTEIN (IMMUNOGLOBULIN GAMMA I (58.2))'
3 polymer 'PROTEIN (CYCLIC PEPTIDE (GP120))'
4 water water
#
loop_
_entity_poly.entity_id
_entity_poly.type
_entity_poly.pdbx_seq_one_letter_code
_entity_poly.pdbx_strand_id
1 'polypeptide(L)'
;DIVLTQSPASLAVSLGQRATISCKASQGVDFDGASFMNWYQQKPGQPPKLLIFAASTLESGIPARFSGRGSGTDFTLNIH
PVEEEDAATYYCQQSHEDPLTFGAGTKLELKRADAAPTVSIFPPSSEQLTSGGASVVCFLNNFYPKDINVKWKIDGSERQ
NGVLNSWTDQDSKDSTYSMSSTLTLTKDEYERHNSYTCEATHKTSTSPIVKSFNR
;
L
2 'polypeptide(L)'
;DVQLQQSGPDLVKPSQSLSLTCTVTGYSITSGYSWHWIRQFPGNKLEWMGYIHYSAGTNYNPSLKSRISITRDTSKNQFF
LQLNSVTTEDTATYYCAREEAMPYGNQAYYYAMDCWGQGTTVTVSSAKTTPPSVYPLAPGSAAQTNSMVTLGCLVKGYFP
EPVTVTWNSGSLSSGVHTFPAVLQSDLYTLSSSVTVPSSPRPSETVTCNVAHPASSTKVDKKIVPRDC
;
H
3 'polypeptide(L)' SIGPGRAFGGG P
#
# COMPACT_ATOMS: atom_id res chain seq x y z
N ASP A 1 -15.21 -8.16 23.21
CA ASP A 1 -14.16 -8.02 22.17
C ASP A 1 -12.87 -8.67 22.59
N ILE A 2 -12.23 -9.35 21.65
CA ILE A 2 -10.97 -10.01 21.92
C ILE A 2 -9.85 -9.22 21.28
N VAL A 3 -8.96 -8.70 22.11
CA VAL A 3 -7.85 -7.91 21.64
C VAL A 3 -6.63 -8.74 21.37
N LEU A 4 -6.19 -8.72 20.11
CA LEU A 4 -5.00 -9.47 19.70
C LEU A 4 -3.85 -8.49 19.72
N THR A 5 -2.82 -8.78 20.52
CA THR A 5 -1.65 -7.92 20.64
C THR A 5 -0.44 -8.59 20.04
N GLN A 6 0.10 -7.99 18.98
CA GLN A 6 1.26 -8.55 18.29
C GLN A 6 2.58 -7.90 18.66
N SER A 7 3.61 -8.73 18.83
CA SER A 7 4.94 -8.23 19.15
C SER A 7 6.00 -9.01 18.37
N PRO A 8 6.94 -8.26 17.81
CA PRO A 8 7.00 -6.75 17.92
C PRO A 8 6.29 -6.10 16.74
N ALA A 9 6.21 -4.78 16.76
CA ALA A 9 5.56 -4.04 15.67
C ALA A 9 6.32 -4.25 14.38
N SER A 10 7.62 -4.46 14.50
CA SER A 10 8.49 -4.69 13.35
C SER A 10 9.80 -5.34 13.80
N LEU A 11 10.40 -6.09 12.89
CA LEU A 11 11.66 -6.74 13.19
C LEU A 11 12.44 -6.88 11.88
N ALA A 12 13.77 -6.81 12.01
CA ALA A 12 14.67 -6.93 10.87
C ALA A 12 15.40 -8.26 10.94
N VAL A 13 15.36 -9.02 9.86
CA VAL A 13 16.05 -10.31 9.83
C VAL A 13 16.78 -10.50 8.51
N SER A 14 17.95 -11.11 8.57
CA SER A 14 18.74 -11.36 7.37
C SER A 14 18.19 -12.62 6.76
N LEU A 15 18.29 -12.75 5.45
CA LEU A 15 17.80 -13.95 4.79
C LEU A 15 18.60 -15.12 5.34
N GLY A 16 17.93 -16.26 5.48
CA GLY A 16 18.58 -17.43 6.04
C GLY A 16 18.26 -17.54 7.51
N GLN A 17 18.16 -16.39 8.17
CA GLN A 17 17.85 -16.33 9.59
C GLN A 17 16.44 -16.83 9.92
N ARG A 18 16.08 -16.73 11.20
CA ARG A 18 14.79 -17.16 11.69
C ARG A 18 14.04 -15.98 12.25
N ALA A 19 12.78 -15.85 11.85
CA ALA A 19 11.93 -14.78 12.32
C ALA A 19 10.76 -15.40 13.05
N THR A 20 10.41 -14.80 14.18
CA THR A 20 9.32 -15.30 15.00
C THR A 20 8.46 -14.17 15.52
N ILE A 21 7.22 -14.13 15.05
CA ILE A 21 6.28 -13.11 15.44
C ILE A 21 5.28 -13.72 16.41
N SER A 22 4.94 -12.99 17.47
CA SER A 22 3.98 -13.48 18.44
C SER A 22 2.66 -12.72 18.33
N CYS A 23 1.61 -13.34 18.85
CA CYS A 23 0.27 -12.76 18.83
C CYS A 23 -0.42 -13.26 20.09
N LYS A 24 -1.00 -12.34 20.85
CA LYS A 24 -1.67 -12.71 22.09
C LYS A 24 -3.10 -12.20 22.18
N ALA A 25 -4.01 -13.14 22.43
CA ALA A 25 -5.42 -12.82 22.57
C ALA A 25 -5.71 -12.41 24.01
N SER A 26 -6.66 -11.49 24.20
CA SER A 26 -7.01 -11.06 25.54
C SER A 26 -7.85 -12.14 26.25
N GLN A 27 -8.20 -13.19 25.49
CA GLN A 27 -8.99 -14.33 26.00
C GLN A 27 -8.66 -15.60 25.21
N GLY A 28 -8.82 -16.76 25.84
CA GLY A 28 -8.53 -18.02 25.18
C GLY A 28 -9.40 -18.23 23.97
N VAL A 29 -8.81 -18.71 22.87
CA VAL A 29 -9.55 -18.94 21.64
C VAL A 29 -9.65 -20.40 21.25
N ASP A 30 -9.70 -21.27 22.25
CA ASP A 30 -9.79 -22.71 22.02
C ASP A 30 -11.22 -23.17 22.18
N PHE A 31 -11.53 -24.30 21.54
CA PHE A 31 -12.87 -24.87 21.60
C PHE A 31 -12.87 -26.21 20.86
N ASP A 32 -13.22 -27.28 21.56
CA ASP A 32 -13.22 -28.61 20.97
C ASP A 32 -11.84 -28.92 20.42
N GLY A 33 -10.83 -28.62 21.23
CA GLY A 33 -9.45 -28.86 20.86
C GLY A 33 -9.07 -28.32 19.49
N ALA A 34 -9.30 -27.03 19.29
CA ALA A 34 -8.98 -26.35 18.03
C ALA A 34 -8.87 -24.87 18.30
N SER A 35 -7.71 -24.30 18.03
CA SER A 35 -7.48 -22.87 18.25
C SER A 35 -7.96 -22.06 17.05
N PHE A 36 -8.91 -21.17 17.30
CA PHE A 36 -9.47 -20.32 16.25
C PHE A 36 -8.61 -19.10 15.99
N MET A 37 -7.38 -19.35 15.60
CA MET A 37 -6.40 -18.30 15.32
C MET A 37 -5.87 -18.52 13.91
N ASN A 38 -5.92 -17.47 13.09
CA ASN A 38 -5.47 -17.54 11.70
C ASN A 38 -4.41 -16.47 11.47
N TRP A 39 -3.66 -16.63 10.37
CA TRP A 39 -2.62 -15.70 10.00
C TRP A 39 -2.75 -15.29 8.53
N TYR A 40 -2.54 -14.01 8.27
CA TYR A 40 -2.62 -13.45 6.94
C TYR A 40 -1.33 -12.68 6.70
N GLN A 41 -0.92 -12.60 5.45
CA GLN A 41 0.26 -11.86 5.07
C GLN A 41 -0.20 -10.87 4.02
N GLN A 42 0.32 -9.66 4.08
CA GLN A 42 -0.08 -8.66 3.11
C GLN A 42 1.09 -7.85 2.61
N LYS A 43 1.33 -7.95 1.31
CA LYS A 43 2.39 -7.19 0.68
C LYS A 43 1.73 -5.86 0.24
N PRO A 44 2.51 -4.77 0.16
CA PRO A 44 1.96 -3.48 -0.24
C PRO A 44 1.22 -3.52 -1.59
N GLY A 45 0.09 -2.83 -1.65
CA GLY A 45 -0.72 -2.78 -2.86
C GLY A 45 -1.49 -4.05 -3.16
N GLN A 46 -1.69 -4.87 -2.14
CA GLN A 46 -2.41 -6.14 -2.30
C GLN A 46 -3.27 -6.48 -1.09
N PRO A 47 -4.25 -7.37 -1.31
CA PRO A 47 -5.17 -7.81 -0.25
C PRO A 47 -4.49 -8.80 0.69
N PRO A 48 -4.99 -8.92 1.92
CA PRO A 48 -4.37 -9.88 2.84
C PRO A 48 -4.52 -11.30 2.29
N LYS A 49 -3.46 -12.09 2.39
CA LYS A 49 -3.42 -13.46 1.92
C LYS A 49 -3.42 -14.42 3.10
N LEU A 50 -4.22 -15.46 3.03
CA LEU A 50 -4.28 -16.43 4.11
C LEU A 50 -3.05 -17.33 4.09
N LEU A 51 -2.46 -17.56 5.26
CA LEU A 51 -1.28 -18.40 5.38
C LEU A 51 -1.58 -19.64 6.20
N ILE A 52 -2.00 -19.42 7.43
CA ILE A 52 -2.31 -20.50 8.37
C ILE A 52 -3.66 -20.30 9.03
N PHE A 53 -4.40 -21.38 9.20
CA PHE A 53 -5.68 -21.30 9.88
C PHE A 53 -5.72 -22.41 10.94
N ALA A 54 -6.47 -22.16 12.01
CA ALA A 54 -6.57 -23.11 13.11
C ALA A 54 -5.23 -23.25 13.84
N ALA A 55 -4.54 -22.12 13.95
CA ALA A 55 -3.24 -22.01 14.63
C ALA A 55 -2.03 -22.62 13.96
N SER A 56 -2.18 -23.76 13.29
CA SER A 56 -1.04 -24.42 12.68
C SER A 56 -1.19 -25.00 11.29
N THR A 57 -2.39 -24.95 10.72
CA THR A 57 -2.58 -25.50 9.38
C THR A 57 -2.30 -24.54 8.23
N LEU A 58 -1.35 -24.92 7.37
CA LEU A 58 -0.96 -24.12 6.20
C LEU A 58 -1.94 -24.24 5.05
N GLU A 59 -2.05 -23.16 4.31
CA GLU A 59 -2.91 -23.09 3.15
C GLU A 59 -2.21 -23.81 2.00
N SER A 60 -2.95 -24.02 0.91
CA SER A 60 -2.39 -24.66 -0.27
C SER A 60 -1.53 -23.62 -0.98
N GLY A 61 -0.38 -24.05 -1.48
CA GLY A 61 0.49 -23.12 -2.18
C GLY A 61 1.44 -22.36 -1.28
N ILE A 62 1.38 -22.62 0.03
CA ILE A 62 2.28 -21.97 0.97
C ILE A 62 3.41 -22.91 1.41
N PRO A 63 4.67 -22.55 1.07
CA PRO A 63 5.87 -23.33 1.39
C PRO A 63 6.01 -23.62 2.89
N ALA A 64 6.52 -24.83 3.19
CA ALA A 64 6.68 -25.29 4.56
C ALA A 64 7.65 -24.51 5.44
N ARG A 65 8.26 -23.45 4.92
CA ARG A 65 9.18 -22.65 5.75
C ARG A 65 8.38 -21.78 6.70
N PHE A 66 7.07 -21.89 6.57
CA PHE A 66 6.12 -21.18 7.42
C PHE A 66 5.49 -22.16 8.40
N SER A 67 5.61 -21.84 9.67
CA SER A 67 5.04 -22.68 10.72
C SER A 67 4.31 -21.81 11.75
N GLY A 68 3.31 -22.38 12.38
CA GLY A 68 2.55 -21.65 13.38
C GLY A 68 2.17 -22.58 14.52
N ARG A 69 2.32 -22.10 15.75
CA ARG A 69 1.99 -22.90 16.92
C ARG A 69 1.38 -22.06 18.05
N GLY A 70 0.83 -22.74 19.05
CA GLY A 70 0.23 -22.07 20.18
C GLY A 70 -1.13 -22.62 20.51
N SER A 71 -1.69 -22.13 21.61
CA SER A 71 -3.02 -22.53 22.08
C SER A 71 -3.42 -21.55 23.18
N GLY A 72 -4.73 -21.46 23.44
CA GLY A 72 -5.22 -20.56 24.47
C GLY A 72 -5.12 -19.12 24.07
N THR A 73 -4.20 -18.38 24.68
CA THR A 73 -4.04 -16.96 24.38
C THR A 73 -2.75 -16.60 23.67
N ASP A 74 -1.76 -17.49 23.71
CA ASP A 74 -0.46 -17.23 23.09
C ASP A 74 -0.19 -18.05 21.84
N PHE A 75 0.07 -17.36 20.74
CA PHE A 75 0.37 -18.00 19.44
C PHE A 75 1.54 -17.30 18.74
N THR A 76 2.29 -18.04 17.93
CA THR A 76 3.43 -17.47 17.21
C THR A 76 3.57 -18.01 15.78
N LEU A 77 4.05 -17.15 14.88
CA LEU A 77 4.28 -17.54 13.48
C LEU A 77 5.80 -17.56 13.32
N ASN A 78 6.29 -18.60 12.66
CA ASN A 78 7.73 -18.76 12.46
C ASN A 78 8.10 -18.93 10.99
N ILE A 79 9.11 -18.17 10.58
CA ILE A 79 9.61 -18.22 9.22
C ILE A 79 11.08 -18.61 9.28
N HIS A 80 11.42 -19.67 8.55
CA HIS A 80 12.78 -20.18 8.49
C HIS A 80 12.85 -21.22 7.38
N PRO A 81 13.71 -20.97 6.38
CA PRO A 81 14.59 -19.74 6.33
C PRO A 81 13.97 -18.54 5.64
N VAL A 82 14.11 -17.37 6.26
CA VAL A 82 13.57 -16.15 5.71
C VAL A 82 14.13 -15.85 4.30
N GLU A 83 13.23 -15.85 3.30
CA GLU A 83 13.56 -15.56 1.90
C GLU A 83 13.31 -14.08 1.60
N GLU A 84 13.69 -13.64 0.40
CA GLU A 84 13.50 -12.24 0.00
C GLU A 84 12.04 -11.80 -0.18
N GLU A 85 11.20 -12.76 -0.56
CA GLU A 85 9.78 -12.49 -0.80
C GLU A 85 8.87 -12.66 0.42
N ASP A 86 9.44 -12.47 1.59
CA ASP A 86 8.68 -12.57 2.82
C ASP A 86 8.44 -11.21 3.45
N ALA A 87 9.07 -10.19 2.88
CA ALA A 87 8.90 -8.83 3.40
C ALA A 87 7.43 -8.46 3.18
N ALA A 88 6.72 -8.28 4.28
CA ALA A 88 5.31 -7.94 4.25
C ALA A 88 4.83 -7.77 5.67
N THR A 89 3.53 -7.53 5.82
CA THR A 89 2.94 -7.36 7.13
C THR A 89 2.17 -8.63 7.42
N TYR A 90 2.28 -9.09 8.66
CA TYR A 90 1.59 -10.29 9.08
C TYR A 90 0.62 -9.95 10.19
N TYR A 91 -0.62 -10.39 10.01
CA TYR A 91 -1.67 -10.14 10.98
C TYR A 91 -2.24 -11.46 11.47
N CYS A 92 -2.61 -11.51 12.75
CA CYS A 92 -3.26 -12.69 13.28
C CYS A 92 -4.73 -12.27 13.39
N GLN A 93 -5.64 -13.22 13.20
CA GLN A 93 -7.07 -12.95 13.22
C GLN A 93 -7.79 -14.08 13.94
N GLN A 94 -8.67 -13.74 14.87
CA GLN A 94 -9.42 -14.76 15.60
C GLN A 94 -10.83 -14.97 15.08
N SER A 95 -11.20 -16.23 14.91
CA SER A 95 -12.53 -16.60 14.43
C SER A 95 -13.30 -17.23 15.58
N HIS A 96 -12.81 -17.05 16.80
CA HIS A 96 -13.46 -17.62 17.97
C HIS A 96 -14.88 -17.11 18.12
N GLU A 97 -15.07 -15.80 17.90
CA GLU A 97 -16.39 -15.19 18.05
C GLU A 97 -16.60 -14.01 17.12
N ASP A 98 -17.83 -13.52 17.11
CA ASP A 98 -18.20 -12.33 16.34
C ASP A 98 -18.24 -11.21 17.37
N PRO A 99 -17.70 -10.02 17.15
CA PRO A 99 -16.99 -9.66 15.91
C PRO A 99 -15.59 -10.22 15.74
N LEU A 100 -15.25 -10.59 14.50
CA LEU A 100 -13.92 -11.09 14.20
C LEU A 100 -12.98 -9.89 14.37
N THR A 101 -11.84 -10.10 15.01
CA THR A 101 -10.89 -9.02 15.23
C THR A 101 -9.54 -9.41 14.66
N PHE A 102 -8.72 -8.39 14.36
CA PHE A 102 -7.39 -8.58 13.81
C PHE A 102 -6.33 -8.04 14.74
N GLY A 103 -5.09 -8.26 14.36
CA GLY A 103 -3.98 -7.73 15.14
C GLY A 103 -3.55 -6.45 14.42
N ALA A 104 -2.70 -5.66 15.07
CA ALA A 104 -2.22 -4.40 14.46
C ALA A 104 -1.25 -4.70 13.33
N GLY A 105 -0.64 -5.88 13.39
CA GLY A 105 0.29 -6.33 12.37
C GLY A 105 1.74 -6.15 12.74
N THR A 106 2.60 -6.88 12.03
CA THR A 106 4.05 -6.81 12.24
C THR A 106 4.78 -6.71 10.90
N LYS A 107 5.47 -5.59 10.70
CA LYS A 107 6.21 -5.35 9.48
C LYS A 107 7.52 -6.15 9.54
N LEU A 108 7.75 -6.96 8.51
CA LEU A 108 8.97 -7.74 8.42
C LEU A 108 9.92 -7.09 7.43
N GLU A 109 10.90 -6.34 7.94
CA GLU A 109 11.86 -5.70 7.07
C GLU A 109 13.12 -6.56 7.01
N LEU A 110 13.57 -6.83 5.78
CA LEU A 110 14.75 -7.64 5.53
C LEU A 110 16.04 -6.87 5.73
N LYS A 111 17.01 -7.53 6.36
CA LYS A 111 18.30 -6.93 6.64
C LYS A 111 19.28 -7.25 5.52
N ARG A 112 20.12 -6.28 5.17
CA ARG A 112 21.12 -6.44 4.12
C ARG A 112 22.33 -5.53 4.34
N ALA A 113 23.32 -5.63 3.46
CA ALA A 113 24.52 -4.82 3.55
C ALA A 113 24.22 -3.34 3.26
N ASP A 114 24.94 -2.45 3.95
CA ASP A 114 24.74 -1.02 3.75
C ASP A 114 24.93 -0.64 2.29
N ALA A 115 24.20 0.38 1.85
CA ALA A 115 24.26 0.84 0.48
C ALA A 115 24.02 2.33 0.47
N ALA A 116 24.91 3.06 -0.20
CA ALA A 116 24.78 4.51 -0.30
C ALA A 116 23.79 4.83 -1.41
N PRO A 117 23.12 5.99 -1.30
CA PRO A 117 22.13 6.46 -2.28
C PRO A 117 22.75 6.94 -3.58
N THR A 118 21.92 6.97 -4.61
CA THR A 118 22.32 7.48 -5.91
C THR A 118 21.43 8.70 -6.00
N VAL A 119 22.02 9.85 -5.73
CA VAL A 119 21.30 11.12 -5.73
C VAL A 119 21.23 11.74 -7.12
N SER A 120 20.04 12.25 -7.44
CA SER A 120 19.77 12.87 -8.72
C SER A 120 18.97 14.13 -8.41
N ILE A 121 19.35 15.24 -9.02
CA ILE A 121 18.64 16.50 -8.81
C ILE A 121 17.99 16.95 -10.12
N PHE A 122 16.83 17.60 -10.01
CA PHE A 122 16.11 18.04 -11.19
C PHE A 122 15.52 19.42 -11.05
N PRO A 123 15.83 20.31 -12.01
CA PRO A 123 15.33 21.69 -12.01
C PRO A 123 13.88 21.59 -12.48
N PRO A 124 13.12 22.69 -12.39
CA PRO A 124 11.73 22.63 -12.84
C PRO A 124 11.57 22.62 -14.36
N SER A 125 10.49 21.98 -14.82
CA SER A 125 10.19 21.90 -16.24
C SER A 125 9.76 23.28 -16.71
N SER A 126 10.08 23.60 -17.96
CA SER A 126 9.68 24.89 -18.50
C SER A 126 8.16 24.91 -18.64
N GLU A 127 7.56 23.71 -18.68
CA GLU A 127 6.13 23.54 -18.80
C GLU A 127 5.44 23.97 -17.51
N GLN A 128 6.06 23.62 -16.38
CA GLN A 128 5.53 23.99 -15.08
C GLN A 128 5.76 25.46 -14.85
N LEU A 129 6.90 25.97 -15.34
CA LEU A 129 7.22 27.38 -15.17
C LEU A 129 6.21 28.33 -15.81
N THR A 130 5.72 27.98 -16.99
CA THR A 130 4.74 28.84 -17.65
C THR A 130 3.50 28.96 -16.74
N SER A 131 3.19 27.90 -15.97
CA SER A 131 2.03 27.94 -15.09
C SER A 131 2.33 28.70 -13.78
N GLY A 132 3.47 29.38 -13.75
CA GLY A 132 3.87 30.17 -12.60
C GLY A 132 4.38 29.45 -11.38
N GLY A 133 4.63 28.15 -11.50
CA GLY A 133 5.12 27.38 -10.37
C GLY A 133 6.48 26.81 -10.66
N ALA A 134 7.13 26.25 -9.65
CA ALA A 134 8.45 25.66 -9.82
C ALA A 134 8.73 24.58 -8.78
N SER A 135 8.84 23.34 -9.22
CA SER A 135 9.13 22.25 -8.31
C SER A 135 10.49 21.63 -8.64
N VAL A 136 11.48 21.91 -7.81
CA VAL A 136 12.77 21.31 -8.03
C VAL A 136 12.75 20.05 -7.18
N VAL A 137 13.02 18.91 -7.81
CA VAL A 137 12.97 17.63 -7.10
C VAL A 137 14.30 16.90 -7.06
N CYS A 138 14.47 16.11 -6.01
CA CYS A 138 15.69 15.36 -5.78
C CYS A 138 15.39 13.93 -5.35
N PHE A 139 15.83 12.96 -6.16
CA PHE A 139 15.63 11.55 -5.86
C PHE A 139 16.87 10.97 -5.18
N LEU A 140 16.65 10.13 -4.18
CA LEU A 140 17.72 9.46 -3.43
C LEU A 140 17.29 8.00 -3.46
N ASN A 141 17.85 7.26 -4.42
CA ASN A 141 17.48 5.86 -4.61
C ASN A 141 18.43 4.74 -4.20
N ASN A 142 17.83 3.61 -3.84
CA ASN A 142 18.52 2.38 -3.48
C ASN A 142 19.58 2.46 -2.39
N PHE A 143 19.14 2.77 -1.18
CA PHE A 143 20.05 2.86 -0.04
C PHE A 143 19.56 2.00 1.11
N TYR A 144 20.49 1.63 1.98
CA TYR A 144 20.17 0.85 3.15
C TYR A 144 21.08 1.30 4.30
N PRO A 145 20.65 1.53 5.57
CA PRO A 145 19.24 1.38 6.10
C PRO A 145 18.35 2.53 5.63
N LYS A 146 17.10 2.56 6.06
CA LYS A 146 16.19 3.63 5.66
C LYS A 146 16.47 4.96 6.36
N ASP A 147 17.38 4.94 7.32
CA ASP A 147 17.74 6.15 8.05
C ASP A 147 18.56 7.04 7.16
N ILE A 148 18.00 8.20 6.85
CA ILE A 148 18.68 9.18 6.02
C ILE A 148 18.12 10.55 6.37
N ASN A 149 18.96 11.57 6.23
CA ASN A 149 18.55 12.94 6.54
C ASN A 149 18.69 13.78 5.27
N VAL A 150 17.60 14.42 4.86
CA VAL A 150 17.64 15.26 3.65
C VAL A 150 17.42 16.72 4.02
N LYS A 151 18.32 17.55 3.51
CA LYS A 151 18.34 18.98 3.76
C LYS A 151 18.48 19.70 2.43
N TRP A 152 17.80 20.83 2.30
CA TRP A 152 17.88 21.64 1.08
C TRP A 152 18.59 22.94 1.39
N LYS A 153 19.33 23.46 0.42
CA LYS A 153 20.04 24.70 0.62
C LYS A 153 19.98 25.62 -0.57
N ILE A 154 19.40 26.80 -0.35
CA ILE A 154 19.31 27.80 -1.40
C ILE A 154 20.37 28.83 -1.06
N ASP A 155 21.36 28.96 -1.95
CA ASP A 155 22.44 29.91 -1.76
C ASP A 155 23.11 29.76 -0.40
N GLY A 156 23.34 28.52 0.00
CA GLY A 156 24.00 28.28 1.27
C GLY A 156 23.08 28.14 2.47
N SER A 157 21.96 28.87 2.46
CA SER A 157 21.01 28.82 3.57
C SER A 157 20.05 27.63 3.50
N GLU A 158 19.67 27.15 4.67
CA GLU A 158 18.73 26.04 4.77
C GLU A 158 17.37 26.51 4.26
N ARG A 159 16.53 25.56 3.86
CA ARG A 159 15.20 25.87 3.36
C ARG A 159 14.28 24.71 3.64
N GLN A 160 13.29 24.92 4.51
CA GLN A 160 12.34 23.86 4.82
C GLN A 160 10.93 24.28 4.37
N ASN A 161 10.79 25.55 4.03
CA ASN A 161 9.51 26.05 3.56
C ASN A 161 9.29 25.48 2.17
N GLY A 162 8.19 24.78 2.00
CA GLY A 162 7.88 24.22 0.69
C GLY A 162 8.39 22.82 0.36
N VAL A 163 9.06 22.15 1.30
CA VAL A 163 9.55 20.79 1.01
C VAL A 163 8.63 19.65 1.41
N LEU A 164 8.51 18.67 0.51
CA LEU A 164 7.70 17.46 0.71
C LEU A 164 8.50 16.20 0.39
N ASN A 165 8.72 15.39 1.42
CA ASN A 165 9.49 14.16 1.28
C ASN A 165 8.57 12.95 1.25
N SER A 166 8.97 11.93 0.49
CA SER A 166 8.18 10.72 0.41
C SER A 166 9.09 9.50 0.41
N TRP A 167 8.62 8.43 1.05
CA TRP A 167 9.39 7.21 1.18
C TRP A 167 8.68 6.00 0.60
N THR A 168 9.43 5.19 -0.12
CA THR A 168 8.91 3.96 -0.70
C THR A 168 9.16 2.86 0.31
N ASP A 169 8.34 1.81 0.27
CA ASP A 169 8.52 0.66 1.15
C ASP A 169 9.82 -0.02 0.69
N GLN A 170 10.24 -1.05 1.42
CA GLN A 170 11.45 -1.77 1.04
C GLN A 170 11.19 -2.50 -0.27
N ASP A 171 12.20 -2.50 -1.15
CA ASP A 171 12.10 -3.16 -2.46
C ASP A 171 12.27 -4.68 -2.31
N SER A 172 11.32 -5.44 -2.85
CA SER A 172 11.37 -6.89 -2.76
C SER A 172 12.44 -7.50 -3.65
N LYS A 173 13.18 -6.64 -4.35
CA LYS A 173 14.25 -7.08 -5.23
C LYS A 173 15.62 -7.01 -4.56
N ASP A 174 16.13 -5.80 -4.40
CA ASP A 174 17.43 -5.59 -3.78
C ASP A 174 17.37 -5.27 -2.29
N SER A 175 16.16 -5.16 -1.76
CA SER A 175 15.93 -4.88 -0.34
C SER A 175 16.37 -3.48 0.10
N THR A 176 16.37 -2.54 -0.83
CA THR A 176 16.78 -1.16 -0.52
C THR A 176 15.59 -0.23 -0.34
N TYR A 177 15.91 1.03 -0.07
CA TYR A 177 14.91 2.07 0.12
C TYR A 177 15.24 3.24 -0.80
N SER A 178 14.22 4.01 -1.12
CA SER A 178 14.38 5.16 -1.97
C SER A 178 13.54 6.29 -1.38
N MET A 179 13.82 7.52 -1.80
CA MET A 179 13.11 8.66 -1.28
C MET A 179 13.19 9.85 -2.22
N SER A 180 12.08 10.58 -2.35
CA SER A 180 12.06 11.76 -3.19
C SER A 180 11.75 12.94 -2.28
N SER A 181 12.34 14.06 -2.62
CA SER A 181 12.17 15.29 -1.88
C SER A 181 11.87 16.35 -2.91
N THR A 182 10.74 17.03 -2.74
CA THR A 182 10.33 18.06 -3.69
C THR A 182 10.24 19.43 -3.03
N LEU A 183 10.95 20.41 -3.60
CA LEU A 183 10.91 21.78 -3.10
C LEU A 183 10.04 22.53 -4.08
N THR A 184 8.90 23.02 -3.61
CA THR A 184 8.00 23.76 -4.49
C THR A 184 8.02 25.22 -4.11
N LEU A 185 8.38 26.05 -5.09
CA LEU A 185 8.47 27.50 -4.92
C LEU A 185 7.59 28.15 -5.99
N THR A 186 7.37 29.45 -5.87
CA THR A 186 6.60 30.16 -6.88
C THR A 186 7.60 30.45 -7.99
N LYS A 187 7.13 30.74 -9.19
CA LYS A 187 8.01 31.06 -10.31
C LYS A 187 9.02 32.14 -9.87
N ASP A 188 8.49 33.19 -9.25
CA ASP A 188 9.30 34.30 -8.78
C ASP A 188 10.32 33.96 -7.71
N GLU A 189 9.88 33.25 -6.67
CA GLU A 189 10.80 32.87 -5.60
C GLU A 189 11.98 32.09 -6.15
N TYR A 190 11.68 31.20 -7.09
CA TYR A 190 12.70 30.37 -7.73
C TYR A 190 13.75 31.24 -8.41
N GLU A 191 13.29 32.24 -9.17
CA GLU A 191 14.18 33.12 -9.91
C GLU A 191 14.94 34.12 -9.05
N ARG A 192 14.72 34.04 -7.74
CA ARG A 192 15.34 34.94 -6.77
C ARG A 192 16.51 34.29 -6.05
N HIS A 193 17.10 33.28 -6.68
CA HIS A 193 18.24 32.56 -6.09
C HIS A 193 19.01 31.92 -7.20
N ASN A 194 20.18 31.40 -6.88
CA ASN A 194 20.99 30.76 -7.91
C ASN A 194 21.25 29.28 -7.61
N SER A 195 22.04 29.03 -6.57
CA SER A 195 22.41 27.69 -6.17
C SER A 195 21.28 26.96 -5.47
N TYR A 196 21.04 25.73 -5.91
CA TYR A 196 20.01 24.86 -5.34
C TYR A 196 20.70 23.55 -5.03
N THR A 197 20.83 23.28 -3.74
CA THR A 197 21.52 22.08 -3.31
C THR A 197 20.66 21.12 -2.52
N CYS A 198 20.72 19.87 -2.94
CA CYS A 198 20.00 18.80 -2.27
C CYS A 198 21.11 18.04 -1.57
N GLU A 199 21.17 18.19 -0.26
CA GLU A 199 22.19 17.56 0.55
C GLU A 199 21.68 16.48 1.49
N ALA A 200 22.24 15.28 1.35
CA ALA A 200 21.84 14.13 2.17
C ALA A 200 22.93 13.70 3.15
N THR A 201 22.50 13.02 4.21
CA THR A 201 23.38 12.52 5.24
C THR A 201 22.96 11.07 5.56
N HIS A 202 23.82 10.13 5.20
CA HIS A 202 23.56 8.71 5.40
C HIS A 202 24.71 8.05 6.16
N LYS A 203 24.40 6.98 6.87
CA LYS A 203 25.36 6.21 7.66
C LYS A 203 26.55 5.68 6.86
N THR A 204 26.41 5.65 5.53
CA THR A 204 27.47 5.15 4.66
C THR A 204 28.57 6.14 4.27
N SER A 205 28.47 7.37 4.75
CA SER A 205 29.48 8.39 4.43
C SER A 205 29.70 9.32 5.61
N THR A 206 30.96 9.69 5.85
CA THR A 206 31.29 10.58 6.96
C THR A 206 30.84 11.99 6.62
N SER A 207 31.06 12.38 5.37
CA SER A 207 30.65 13.69 4.90
C SER A 207 29.31 13.55 4.18
N PRO A 208 28.58 14.67 4.02
CA PRO A 208 27.27 14.71 3.36
C PRO A 208 27.32 14.48 1.85
N ILE A 209 26.36 13.73 1.34
CA ILE A 209 26.26 13.48 -0.09
C ILE A 209 25.53 14.68 -0.68
N VAL A 210 26.05 15.26 -1.74
CA VAL A 210 25.42 16.45 -2.31
C VAL A 210 25.33 16.55 -3.82
N LYS A 211 24.17 17.03 -4.27
CA LYS A 211 23.90 17.23 -5.69
C LYS A 211 23.39 18.66 -5.78
N SER A 212 23.85 19.40 -6.79
CA SER A 212 23.43 20.79 -6.93
C SER A 212 23.39 21.24 -8.38
N PHE A 213 22.85 22.44 -8.58
CA PHE A 213 22.76 23.07 -9.88
C PHE A 213 22.49 24.55 -9.69
N ASN A 214 22.88 25.35 -10.67
CA ASN A 214 22.66 26.79 -10.62
C ASN A 214 21.85 27.21 -11.83
N ARG A 215 21.15 28.33 -11.73
CA ARG A 215 20.36 28.81 -12.85
C ARG A 215 21.26 29.58 -13.81
N ASP B 1 -12.13 -20.12 -12.46
CA ASP B 1 -12.04 -20.13 -10.96
C ASP B 1 -12.71 -18.92 -10.30
N VAL B 2 -12.64 -18.89 -8.97
CA VAL B 2 -13.25 -17.85 -8.15
C VAL B 2 -12.56 -16.47 -8.09
N GLN B 3 -13.36 -15.41 -8.23
CA GLN B 3 -12.86 -14.04 -8.18
C GLN B 3 -13.89 -13.01 -7.66
N LEU B 4 -13.47 -12.21 -6.67
CA LEU B 4 -14.31 -11.17 -6.05
C LEU B 4 -13.87 -9.78 -6.51
N GLN B 5 -14.81 -8.90 -6.76
CA GLN B 5 -14.48 -7.56 -7.22
C GLN B 5 -15.37 -6.43 -6.73
N GLN B 6 -14.75 -5.48 -6.05
CA GLN B 6 -15.43 -4.31 -5.51
C GLN B 6 -15.55 -3.22 -6.55
N SER B 7 -16.59 -2.42 -6.41
CA SER B 7 -16.87 -1.29 -7.29
C SER B 7 -17.71 -0.29 -6.53
N GLY B 8 -17.60 0.98 -6.88
CA GLY B 8 -18.36 2.01 -6.19
C GLY B 8 -17.59 3.31 -6.31
N PRO B 9 -18.10 4.40 -5.72
CA PRO B 9 -17.47 5.73 -5.75
C PRO B 9 -16.07 5.85 -5.13
N ASP B 10 -15.27 6.77 -5.67
CA ASP B 10 -13.93 7.06 -5.17
C ASP B 10 -14.09 8.18 -4.13
N LEU B 11 -15.07 9.05 -4.38
CA LEU B 11 -15.34 10.20 -3.54
C LEU B 11 -16.79 10.23 -3.09
N VAL B 12 -17.00 10.53 -1.82
CA VAL B 12 -18.31 10.62 -1.23
C VAL B 12 -18.24 11.85 -0.30
N LYS B 13 -19.26 12.71 -0.36
CA LYS B 13 -19.28 13.88 0.52
C LYS B 13 -19.80 13.44 1.88
N PRO B 14 -19.31 14.05 2.97
CA PRO B 14 -19.73 13.70 4.33
C PRO B 14 -21.23 13.80 4.53
N SER B 15 -21.76 12.96 5.41
CA SER B 15 -23.20 12.87 5.73
C SER B 15 -24.02 12.13 4.68
N GLN B 16 -23.36 11.63 3.64
CA GLN B 16 -24.03 10.87 2.61
C GLN B 16 -23.88 9.38 2.86
N SER B 17 -24.56 8.57 2.06
CA SER B 17 -24.46 7.12 2.17
C SER B 17 -23.35 6.64 1.22
N LEU B 18 -22.83 5.45 1.51
CA LEU B 18 -21.78 4.86 0.71
C LEU B 18 -22.28 3.49 0.28
N SER B 19 -22.34 3.28 -1.03
CA SER B 19 -22.80 2.00 -1.56
C SER B 19 -21.68 1.34 -2.36
N LEU B 20 -21.34 0.14 -1.94
CA LEU B 20 -20.31 -0.65 -2.60
C LEU B 20 -20.91 -1.97 -3.01
N THR B 21 -20.38 -2.51 -4.10
CA THR B 21 -20.83 -3.77 -4.66
C THR B 21 -19.65 -4.72 -4.79
N CYS B 22 -19.90 -5.98 -4.43
CA CYS B 22 -18.90 -7.01 -4.53
C CYS B 22 -19.48 -8.04 -5.50
N THR B 23 -18.89 -8.13 -6.69
CA THR B 23 -19.34 -9.06 -7.71
C THR B 23 -18.49 -10.32 -7.64
N VAL B 24 -19.17 -11.46 -7.47
CA VAL B 24 -18.50 -12.74 -7.36
C VAL B 24 -18.61 -13.50 -8.66
N THR B 25 -17.47 -13.92 -9.18
CA THR B 25 -17.37 -14.66 -10.44
C THR B 25 -16.81 -16.07 -10.22
N GLY B 26 -17.36 -17.04 -10.95
CA GLY B 26 -16.91 -18.42 -10.87
C GLY B 26 -17.26 -19.15 -9.59
N TYR B 27 -18.30 -18.67 -8.93
CA TYR B 27 -18.78 -19.24 -7.68
C TYR B 27 -20.12 -18.57 -7.43
N SER B 28 -21.03 -19.26 -6.76
CA SER B 28 -22.35 -18.72 -6.48
C SER B 28 -22.39 -18.20 -5.06
N ILE B 29 -23.04 -17.06 -4.83
CA ILE B 29 -23.11 -16.54 -3.46
C ILE B 29 -23.91 -17.45 -2.55
N THR B 30 -24.75 -18.31 -3.12
CA THR B 30 -25.55 -19.24 -2.31
C THR B 30 -24.74 -20.48 -1.94
N SER B 31 -23.63 -20.69 -2.65
CA SER B 31 -22.75 -21.83 -2.45
C SER B 31 -21.78 -21.68 -1.26
N GLY B 32 -21.55 -20.45 -0.82
CA GLY B 32 -20.63 -20.24 0.28
C GLY B 32 -21.28 -20.14 1.64
N TYR B 33 -20.46 -20.21 2.69
CA TYR B 33 -20.95 -20.10 4.06
C TYR B 33 -21.30 -18.64 4.41
N SER B 34 -20.31 -17.74 4.28
CA SER B 34 -20.52 -16.31 4.57
C SER B 34 -19.73 -15.41 3.62
N TRP B 35 -20.18 -14.16 3.48
CA TRP B 35 -19.55 -13.17 2.61
C TRP B 35 -19.30 -11.87 3.36
N HIS B 36 -18.05 -11.56 3.63
CA HIS B 36 -17.66 -10.37 4.41
C HIS B 36 -17.28 -9.07 3.72
N TRP B 37 -17.29 -8.01 4.53
CA TRP B 37 -16.89 -6.67 4.16
C TRP B 37 -15.92 -6.28 5.28
N ILE B 38 -14.70 -5.97 4.89
CA ILE B 38 -13.63 -5.61 5.81
C ILE B 38 -12.98 -4.36 5.24
N ARG B 39 -12.54 -3.46 6.11
CA ARG B 39 -11.88 -2.25 5.64
C ARG B 39 -10.53 -1.99 6.30
N GLN B 40 -9.64 -1.35 5.55
CA GLN B 40 -8.32 -1.05 6.04
C GLN B 40 -8.09 0.46 6.01
N PHE B 41 -7.82 1.03 7.18
CA PHE B 41 -7.59 2.46 7.27
C PHE B 41 -6.15 2.77 6.91
N PRO B 42 -5.87 4.02 6.48
CA PRO B 42 -4.49 4.34 6.14
C PRO B 42 -3.73 4.07 7.44
N GLY B 43 -2.67 3.27 7.35
CA GLY B 43 -1.91 2.91 8.53
C GLY B 43 -1.95 1.39 8.63
N ASN B 44 -2.69 0.79 7.70
CA ASN B 44 -2.84 -0.66 7.59
C ASN B 44 -3.67 -1.35 8.66
N LYS B 45 -4.36 -0.56 9.48
CA LYS B 45 -5.19 -1.13 10.53
C LYS B 45 -6.50 -1.66 9.93
N LEU B 46 -6.75 -2.95 10.15
CA LEU B 46 -7.94 -3.62 9.64
C LEU B 46 -9.11 -3.63 10.60
N GLU B 47 -10.31 -3.48 10.05
CA GLU B 47 -11.53 -3.52 10.84
C GLU B 47 -12.56 -4.32 10.06
N TRP B 48 -13.06 -5.37 10.71
CA TRP B 48 -14.07 -6.22 10.11
C TRP B 48 -15.38 -5.46 10.26
N MET B 49 -16.18 -5.40 9.20
CA MET B 49 -17.45 -4.68 9.22
C MET B 49 -18.70 -5.52 9.44
N GLY B 50 -18.81 -6.61 8.70
CA GLY B 50 -19.97 -7.48 8.86
C GLY B 50 -20.01 -8.53 7.78
N TYR B 51 -21.04 -9.37 7.79
CA TYR B 51 -21.19 -10.41 6.79
C TYR B 51 -22.62 -10.87 6.63
N ILE B 52 -22.91 -11.50 5.49
CA ILE B 52 -24.23 -12.03 5.22
C ILE B 52 -24.07 -13.55 5.03
N HIS B 53 -24.75 -14.29 5.88
CA HIS B 53 -24.76 -15.75 5.92
C HIS B 53 -25.49 -16.28 4.70
N TYR B 54 -25.14 -17.49 4.26
CA TYR B 54 -25.80 -18.07 3.07
C TYR B 54 -27.32 -18.16 3.24
N SER B 55 -27.79 -18.05 4.47
CA SER B 55 -29.22 -18.11 4.76
C SER B 55 -29.86 -16.73 4.73
N ALA B 56 -29.10 -15.74 4.27
CA ALA B 56 -29.56 -14.35 4.17
C ALA B 56 -29.52 -13.59 5.50
N GLY B 57 -29.20 -14.29 6.59
CA GLY B 57 -29.12 -13.65 7.89
C GLY B 57 -27.81 -12.88 7.99
N THR B 58 -27.72 -11.89 8.88
CA THR B 58 -26.49 -11.11 9.00
C THR B 58 -25.96 -10.87 10.41
N ASN B 59 -24.76 -10.30 10.46
CA ASN B 59 -24.11 -9.95 11.71
C ASN B 59 -23.15 -8.81 11.42
N TYR B 60 -23.22 -7.77 12.23
CA TYR B 60 -22.40 -6.60 12.02
C TYR B 60 -21.57 -6.26 13.25
N ASN B 61 -20.46 -5.57 13.03
CA ASN B 61 -19.59 -5.16 14.12
C ASN B 61 -20.35 -4.08 14.89
N PRO B 62 -20.47 -4.23 16.23
CA PRO B 62 -21.17 -3.28 17.09
C PRO B 62 -20.73 -1.82 16.95
N SER B 63 -19.45 -1.59 16.68
CA SER B 63 -18.93 -0.24 16.52
C SER B 63 -19.66 0.47 15.37
N LEU B 64 -19.89 -0.24 14.27
CA LEU B 64 -20.59 0.33 13.12
C LEU B 64 -22.05 0.49 13.47
N LYS B 65 -22.52 -0.37 14.35
CA LYS B 65 -23.88 -0.32 14.87
C LYS B 65 -25.07 -0.27 13.89
N SER B 66 -25.67 0.92 13.83
CA SER B 66 -26.86 1.21 13.04
C SER B 66 -26.60 1.90 11.71
N ARG B 67 -25.33 2.10 11.38
CA ARG B 67 -24.99 2.76 10.13
C ARG B 67 -24.78 1.77 8.99
N ILE B 68 -24.50 0.51 9.32
CA ILE B 68 -24.24 -0.47 8.28
C ILE B 68 -25.44 -1.33 7.89
N SER B 69 -25.45 -1.75 6.63
CA SER B 69 -26.49 -2.60 6.08
C SER B 69 -25.90 -3.42 4.94
N ILE B 70 -26.00 -4.75 5.04
CA ILE B 70 -25.49 -5.65 4.01
C ILE B 70 -26.64 -6.47 3.42
N THR B 71 -26.76 -6.44 2.10
CA THR B 71 -27.82 -7.18 1.40
C THR B 71 -27.20 -7.92 0.21
N ARG B 72 -28.03 -8.58 -0.58
CA ARG B 72 -27.51 -9.32 -1.72
C ARG B 72 -28.50 -9.42 -2.86
N ASP B 73 -28.05 -10.04 -3.93
CA ASP B 73 -28.84 -10.24 -5.13
C ASP B 73 -28.32 -11.52 -5.75
N THR B 74 -29.03 -12.60 -5.49
CA THR B 74 -28.67 -13.92 -5.97
C THR B 74 -28.68 -14.06 -7.50
N SER B 75 -29.55 -13.31 -8.17
CA SER B 75 -29.66 -13.37 -9.61
C SER B 75 -28.47 -12.78 -10.36
N LYS B 76 -27.86 -11.75 -9.79
CA LYS B 76 -26.71 -11.08 -10.39
C LYS B 76 -25.40 -11.54 -9.73
N ASN B 77 -25.54 -12.32 -8.66
CA ASN B 77 -24.40 -12.85 -7.91
C ASN B 77 -23.55 -11.76 -7.27
N GLN B 78 -24.21 -10.85 -6.55
CA GLN B 78 -23.54 -9.75 -5.92
C GLN B 78 -24.08 -9.48 -4.53
N PHE B 79 -23.18 -9.08 -3.62
CA PHE B 79 -23.61 -8.68 -2.29
C PHE B 79 -23.14 -7.24 -2.09
N PHE B 80 -23.98 -6.45 -1.42
CA PHE B 80 -23.74 -5.04 -1.23
C PHE B 80 -23.41 -4.59 0.16
N LEU B 81 -22.93 -3.36 0.24
CA LEU B 81 -22.59 -2.72 1.49
C LEU B 81 -23.10 -1.30 1.42
N GLN B 82 -23.84 -0.91 2.45
CA GLN B 82 -24.37 0.42 2.53
C GLN B 82 -23.97 0.92 3.90
N LEU B 83 -23.39 2.11 3.92
CA LEU B 83 -22.96 2.76 5.15
C LEU B 83 -23.60 4.14 5.15
N ASN B 84 -24.38 4.44 6.19
CA ASN B 84 -25.07 5.73 6.30
C ASN B 84 -24.30 6.73 7.16
N SER B 85 -24.50 8.01 6.88
CA SER B 85 -23.86 9.12 7.63
C SER B 85 -22.34 9.03 7.70
N VAL B 86 -21.69 8.94 6.54
CA VAL B 86 -20.23 8.85 6.50
C VAL B 86 -19.50 10.12 6.92
N THR B 87 -18.26 9.97 7.38
CA THR B 87 -17.44 11.10 7.80
C THR B 87 -16.04 10.85 7.25
N THR B 88 -15.13 11.79 7.47
CA THR B 88 -13.77 11.62 6.99
C THR B 88 -13.11 10.39 7.61
N GLU B 89 -13.48 10.02 8.84
CA GLU B 89 -12.89 8.83 9.47
C GLU B 89 -13.41 7.51 8.88
N ASP B 90 -14.12 7.61 7.76
CA ASP B 90 -14.65 6.45 7.04
C ASP B 90 -13.87 6.27 5.72
N THR B 91 -12.83 7.08 5.53
CA THR B 91 -11.98 6.97 4.34
C THR B 91 -11.14 5.73 4.58
N ALA B 92 -11.20 4.80 3.64
CA ALA B 92 -10.45 3.55 3.76
C ALA B 92 -10.58 2.71 2.51
N THR B 93 -9.91 1.55 2.52
CA THR B 93 -9.97 0.61 1.42
C THR B 93 -10.90 -0.51 1.86
N TYR B 94 -11.93 -0.75 1.07
CA TYR B 94 -12.89 -1.80 1.42
C TYR B 94 -12.60 -3.05 0.64
N TYR B 95 -12.77 -4.18 1.31
CA TYR B 95 -12.53 -5.49 0.73
C TYR B 95 -13.71 -6.35 1.05
N CYS B 96 -14.08 -7.20 0.10
CA CYS B 96 -15.16 -8.12 0.33
C CYS B 96 -14.43 -9.46 0.23
N ALA B 97 -14.66 -10.33 1.19
CA ALA B 97 -14.02 -11.63 1.19
C ALA B 97 -15.02 -12.75 1.40
N ARG B 98 -14.58 -13.97 1.10
CA ARG B 98 -15.43 -15.12 1.27
C ARG B 98 -14.90 -15.94 2.43
N GLU B 99 -15.83 -16.42 3.26
CA GLU B 99 -15.45 -17.30 4.35
C GLU B 99 -15.91 -18.66 3.83
N GLU B 100 -15.03 -19.64 3.91
CA GLU B 100 -15.33 -20.95 3.39
C GLU B 100 -14.76 -22.06 4.27
N ALA B 101 -15.28 -23.27 4.05
CA ALA B 101 -14.86 -24.45 4.77
C ALA B 101 -13.54 -24.97 4.24
N MET B 102 -12.52 -24.91 5.09
CA MET B 102 -11.19 -25.37 4.72
C MET B 102 -11.03 -26.79 5.21
N PRO B 103 -11.00 -27.77 4.28
CA PRO B 103 -10.84 -29.15 4.71
C PRO B 103 -9.42 -29.32 5.25
N TYR B 104 -9.34 -29.57 6.56
CA TYR B 104 -8.07 -29.75 7.22
C TYR B 104 -8.11 -31.01 8.10
N GLY B 105 -6.94 -31.42 8.58
CA GLY B 105 -6.86 -32.60 9.43
C GLY B 105 -7.33 -33.87 8.75
N ASN B 106 -7.73 -34.85 9.56
CA ASN B 106 -8.22 -36.13 9.09
C ASN B 106 -9.70 -36.07 8.71
N GLN B 107 -9.99 -35.44 7.57
CA GLN B 107 -11.34 -35.31 7.06
C GLN B 107 -12.26 -34.52 8.00
N ALA B 108 -11.93 -33.24 8.18
CA ALA B 108 -12.69 -32.33 9.03
C ALA B 108 -12.68 -30.96 8.36
N TYR B 109 -13.34 -29.98 8.97
CA TYR B 109 -13.40 -28.64 8.39
C TYR B 109 -13.17 -27.47 9.34
N TYR B 110 -12.76 -26.34 8.76
CA TYR B 110 -12.50 -25.10 9.49
C TYR B 110 -12.78 -23.92 8.59
N TYR B 111 -13.59 -22.98 9.06
CA TYR B 111 -13.97 -21.81 8.29
C TYR B 111 -12.99 -20.65 8.34
N ALA B 112 -12.53 -20.23 7.17
CA ALA B 112 -11.57 -19.12 7.06
C ALA B 112 -11.89 -18.22 5.87
N MET B 113 -11.53 -16.94 5.97
CA MET B 113 -11.76 -16.01 4.86
C MET B 113 -10.58 -16.22 3.94
N ASP B 114 -10.79 -17.08 2.94
CA ASP B 114 -9.73 -17.44 2.01
C ASP B 114 -9.56 -16.70 0.69
N CYS B 115 -10.62 -16.09 0.18
CA CYS B 115 -10.52 -15.36 -1.09
C CYS B 115 -11.02 -13.93 -0.91
N TRP B 116 -10.11 -12.98 -1.12
CA TRP B 116 -10.42 -11.56 -0.99
C TRP B 116 -10.43 -10.85 -2.36
N GLY B 117 -11.06 -9.67 -2.42
CA GLY B 117 -11.07 -8.90 -3.65
C GLY B 117 -9.84 -8.00 -3.66
N GLN B 118 -9.67 -7.22 -4.73
CA GLN B 118 -8.50 -6.34 -4.85
C GLN B 118 -8.58 -5.14 -3.92
N GLY B 119 -9.83 -4.77 -3.62
CA GLY B 119 -10.11 -3.65 -2.74
C GLY B 119 -10.37 -2.39 -3.53
N THR B 120 -11.25 -1.54 -3.00
CA THR B 120 -11.55 -0.27 -3.66
C THR B 120 -11.37 0.86 -2.66
N THR B 121 -10.63 1.88 -3.09
CA THR B 121 -10.39 3.04 -2.24
C THR B 121 -11.59 3.95 -2.27
N VAL B 122 -11.98 4.39 -1.08
CA VAL B 122 -13.10 5.31 -0.93
C VAL B 122 -12.62 6.45 -0.06
N THR B 123 -12.73 7.67 -0.59
CA THR B 123 -12.33 8.88 0.11
C THR B 123 -13.58 9.67 0.43
N VAL B 124 -13.72 10.05 1.70
CA VAL B 124 -14.85 10.85 2.15
C VAL B 124 -14.32 12.25 2.39
N SER B 125 -14.73 13.19 1.53
CA SER B 125 -14.28 14.56 1.63
C SER B 125 -15.18 15.48 0.85
N SER B 126 -15.16 16.77 1.19
CA SER B 126 -15.97 17.76 0.49
C SER B 126 -15.25 18.09 -0.79
N ALA B 127 -13.93 18.26 -0.67
CA ALA B 127 -13.03 18.60 -1.77
C ALA B 127 -13.45 18.09 -3.16
N LYS B 128 -13.28 18.96 -4.14
CA LYS B 128 -13.63 18.67 -5.51
C LYS B 128 -12.57 17.81 -6.22
N THR B 129 -13.02 16.99 -7.16
CA THR B 129 -12.13 16.16 -7.97
C THR B 129 -11.28 17.10 -8.82
N THR B 130 -9.98 16.82 -8.95
CA THR B 130 -9.09 17.69 -9.70
C THR B 130 -8.10 16.86 -10.52
N PRO B 131 -7.95 17.20 -11.82
CA PRO B 131 -7.03 16.49 -12.69
C PRO B 131 -5.58 16.83 -12.36
N PRO B 132 -4.66 15.87 -12.57
CA PRO B 132 -3.24 16.08 -12.29
C PRO B 132 -2.50 16.77 -13.43
N SER B 133 -1.38 17.39 -13.08
CA SER B 133 -0.52 18.05 -14.03
C SER B 133 0.74 17.21 -14.02
N VAL B 134 1.11 16.70 -15.19
CA VAL B 134 2.30 15.87 -15.32
C VAL B 134 3.44 16.67 -15.89
N TYR B 135 4.59 16.56 -15.25
CA TYR B 135 5.77 17.29 -15.68
C TYR B 135 6.93 16.32 -15.89
N PRO B 136 7.62 16.45 -17.03
CA PRO B 136 8.75 15.56 -17.31
C PRO B 136 9.98 15.98 -16.51
N LEU B 137 10.77 15.01 -16.11
CA LEU B 137 11.99 15.29 -15.35
C LEU B 137 13.20 14.78 -16.10
N ALA B 138 13.70 15.63 -16.99
CA ALA B 138 14.87 15.33 -17.80
C ALA B 138 16.10 15.85 -17.06
N PRO B 139 17.24 15.12 -17.15
CA PRO B 139 18.45 15.57 -16.47
C PRO B 139 18.90 16.93 -16.99
N GLY B 140 19.29 17.81 -16.06
CA GLY B 140 19.75 19.13 -16.42
C GLY B 140 21.16 19.12 -16.98
N SER B 141 21.88 18.03 -16.72
CA SER B 141 23.25 17.87 -17.21
C SER B 141 23.24 17.49 -18.68
N ALA B 142 24.35 17.74 -19.36
CA ALA B 142 24.48 17.42 -20.79
C ALA B 142 24.75 15.92 -21.02
N ALA B 143 24.15 15.08 -20.16
CA ALA B 143 24.29 13.61 -20.21
C ALA B 143 25.74 13.17 -20.05
N GLN B 144 26.61 14.12 -19.74
CA GLN B 144 28.04 13.87 -19.59
C GLN B 144 28.48 13.03 -18.40
N THR B 145 28.62 11.74 -18.68
CA THR B 145 29.07 10.71 -17.75
C THR B 145 29.04 9.39 -18.51
N ASN B 146 28.00 8.59 -18.27
CA ASN B 146 27.77 7.28 -18.88
C ASN B 146 26.97 6.48 -17.85
N SER B 147 27.27 5.18 -17.71
CA SER B 147 26.60 4.31 -16.76
C SER B 147 25.07 4.34 -16.99
N MET B 148 24.33 4.70 -15.94
CA MET B 148 22.89 4.78 -16.02
C MET B 148 22.48 6.24 -16.01
N VAL B 149 21.20 6.48 -16.26
CA VAL B 149 20.65 7.82 -16.28
C VAL B 149 19.28 7.73 -15.64
N THR B 150 18.96 8.71 -14.80
CA THR B 150 17.67 8.70 -14.13
C THR B 150 16.76 9.80 -14.64
N LEU B 151 15.54 9.39 -14.96
CA LEU B 151 14.50 10.28 -15.46
C LEU B 151 13.33 10.14 -14.50
N GLY B 152 12.35 11.03 -14.60
CA GLY B 152 11.21 10.94 -13.71
C GLY B 152 10.01 11.74 -14.14
N CYS B 153 8.89 11.53 -13.47
CA CYS B 153 7.66 12.24 -13.76
C CYS B 153 7.10 12.85 -12.51
N LEU B 154 6.68 14.10 -12.63
CA LEU B 154 6.08 14.79 -11.51
C LEU B 154 4.61 14.88 -11.84
N VAL B 155 3.78 14.30 -10.97
CA VAL B 155 2.34 14.31 -11.14
C VAL B 155 1.81 15.12 -9.97
N LYS B 156 1.25 16.30 -10.23
CA LYS B 156 0.77 17.08 -9.11
C LYS B 156 -0.54 17.85 -9.28
N GLY B 157 -1.15 18.16 -8.13
CA GLY B 157 -2.38 18.90 -8.09
C GLY B 157 -3.59 18.11 -8.50
N TYR B 158 -3.74 16.93 -7.91
CA TYR B 158 -4.89 16.10 -8.24
C TYR B 158 -5.56 15.64 -6.97
N PHE B 159 -6.83 15.27 -7.11
CA PHE B 159 -7.62 14.76 -6.00
C PHE B 159 -8.77 13.99 -6.61
N PRO B 160 -9.21 12.82 -6.12
CA PRO B 160 -8.62 12.12 -4.94
C PRO B 160 -7.58 11.09 -5.39
N GLU B 161 -7.23 10.17 -4.50
CA GLU B 161 -6.30 9.09 -4.85
C GLU B 161 -7.18 7.94 -5.34
N PRO B 162 -6.80 7.02 -6.19
CA PRO B 162 -5.44 6.97 -6.73
C PRO B 162 -5.05 7.42 -8.11
N VAL B 163 -3.76 7.26 -8.38
CA VAL B 163 -3.17 7.60 -9.66
C VAL B 163 -2.29 6.44 -10.08
N THR B 164 -2.44 6.05 -11.34
CA THR B 164 -1.68 4.96 -11.90
C THR B 164 -0.62 5.51 -12.83
N VAL B 165 0.64 5.34 -12.45
CA VAL B 165 1.73 5.79 -13.30
C VAL B 165 2.59 4.61 -13.67
N THR B 166 2.90 4.52 -14.95
CA THR B 166 3.74 3.45 -15.48
C THR B 166 4.66 4.02 -16.55
N TRP B 167 5.64 3.23 -16.97
CA TRP B 167 6.57 3.67 -18.00
C TRP B 167 6.48 2.82 -19.26
N ASN B 168 6.67 3.45 -20.41
CA ASN B 168 6.60 2.79 -21.71
C ASN B 168 5.50 1.72 -21.77
N SER B 169 4.32 2.09 -21.29
CA SER B 169 3.13 1.25 -21.25
C SER B 169 3.26 0.02 -20.36
N GLY B 170 4.45 -0.19 -19.81
CA GLY B 170 4.68 -1.34 -18.95
C GLY B 170 5.97 -2.04 -19.29
N SER B 171 6.57 -1.66 -20.42
CA SER B 171 7.84 -2.24 -20.87
C SER B 171 8.86 -2.08 -19.73
N LEU B 172 9.05 -0.84 -19.31
CA LEU B 172 9.95 -0.49 -18.22
C LEU B 172 9.29 -0.90 -16.92
N SER B 173 9.77 -1.99 -16.34
CA SER B 173 9.23 -2.50 -15.09
C SER B 173 10.30 -2.45 -14.00
N SER B 174 11.55 -2.67 -14.41
CA SER B 174 12.69 -2.65 -13.52
C SER B 174 13.30 -1.26 -13.43
N GLY B 175 13.85 -0.93 -12.26
CA GLY B 175 14.47 0.36 -12.04
C GLY B 175 13.46 1.49 -12.00
N VAL B 176 12.24 1.15 -11.59
CA VAL B 176 11.12 2.08 -11.49
C VAL B 176 10.72 2.31 -10.04
N HIS B 177 10.64 3.56 -9.62
CA HIS B 177 10.25 3.87 -8.25
C HIS B 177 9.06 4.82 -8.21
N THR B 178 7.94 4.34 -7.70
CA THR B 178 6.80 5.23 -7.59
C THR B 178 6.65 5.59 -6.11
N PHE B 179 6.87 6.87 -5.82
CA PHE B 179 6.79 7.36 -4.46
C PHE B 179 5.37 7.68 -4.06
N PRO B 180 4.94 7.19 -2.89
CA PRO B 180 3.61 7.42 -2.36
C PRO B 180 3.23 8.90 -2.47
N ALA B 181 1.94 9.15 -2.73
CA ALA B 181 1.48 10.51 -2.85
C ALA B 181 1.52 11.16 -1.48
N VAL B 182 1.63 12.47 -1.47
CA VAL B 182 1.70 13.20 -0.21
C VAL B 182 0.76 14.41 -0.34
N LEU B 183 -0.29 14.42 0.48
CA LEU B 183 -1.30 15.46 0.46
C LEU B 183 -0.79 16.81 0.94
N GLN B 184 -1.30 17.87 0.33
CA GLN B 184 -0.92 19.22 0.68
C GLN B 184 -1.93 20.23 0.13
N SER B 185 -2.85 20.67 1.00
CA SER B 185 -3.88 21.64 0.65
C SER B 185 -4.96 21.03 -0.25
N ASP B 186 -5.49 19.89 0.17
CA ASP B 186 -6.52 19.16 -0.57
C ASP B 186 -6.05 18.65 -1.92
N LEU B 187 -4.74 18.74 -2.16
CA LEU B 187 -4.18 18.29 -3.42
C LEU B 187 -2.95 17.40 -3.27
N TYR B 188 -2.93 16.29 -3.99
CA TYR B 188 -1.81 15.35 -3.93
C TYR B 188 -0.73 15.60 -4.98
N THR B 189 0.46 15.16 -4.61
CA THR B 189 1.64 15.25 -5.46
C THR B 189 2.39 13.94 -5.27
N LEU B 190 2.73 13.34 -6.40
CA LEU B 190 3.45 12.07 -6.44
C LEU B 190 4.49 12.16 -7.55
N SER B 191 5.50 11.30 -7.46
CA SER B 191 6.56 11.24 -8.45
C SER B 191 7.10 9.82 -8.64
N SER B 192 7.41 9.50 -9.89
CA SER B 192 7.93 8.19 -10.29
C SER B 192 9.29 8.41 -10.93
N SER B 193 10.25 7.54 -10.63
CA SER B 193 11.57 7.63 -11.21
C SER B 193 11.86 6.37 -11.98
N VAL B 194 12.77 6.48 -12.94
CA VAL B 194 13.17 5.34 -13.74
C VAL B 194 14.65 5.48 -14.03
N THR B 195 15.40 4.44 -13.74
CA THR B 195 16.82 4.49 -14.02
C THR B 195 17.12 3.54 -15.16
N VAL B 196 17.56 4.11 -16.27
CA VAL B 196 17.86 3.34 -17.46
C VAL B 196 19.28 3.54 -17.98
N PRO B 197 19.77 2.59 -18.80
CA PRO B 197 21.12 2.65 -19.37
C PRO B 197 21.28 3.88 -20.28
N SER B 198 22.46 4.49 -20.25
CA SER B 198 22.74 5.66 -21.08
C SER B 198 22.52 5.36 -22.57
N SER B 199 22.54 4.08 -22.92
CA SER B 199 22.34 3.64 -24.29
C SER B 199 20.98 4.07 -24.83
N PRO B 200 19.86 3.49 -24.31
CA PRO B 200 18.53 3.86 -24.80
C PRO B 200 18.27 5.35 -24.93
N ARG B 201 17.90 6.03 -23.86
CA ARG B 201 17.62 7.46 -23.98
C ARG B 201 18.91 8.28 -24.09
N PRO B 202 18.96 9.30 -24.97
CA PRO B 202 17.81 9.66 -25.87
C PRO B 202 17.49 9.04 -27.23
N SER B 203 18.25 8.01 -27.60
CA SER B 203 18.09 7.30 -28.88
C SER B 203 16.68 6.69 -28.91
N GLU B 204 16.36 5.91 -27.88
CA GLU B 204 15.03 5.32 -27.76
C GLU B 204 14.19 6.31 -26.96
N THR B 205 12.88 6.11 -26.95
CA THR B 205 11.98 7.03 -26.25
C THR B 205 11.41 6.47 -24.96
N VAL B 206 11.40 7.32 -23.93
CA VAL B 206 10.84 6.93 -22.64
C VAL B 206 9.60 7.78 -22.43
N THR B 207 8.51 7.14 -22.00
CA THR B 207 7.25 7.83 -21.78
C THR B 207 6.58 7.39 -20.48
N CYS B 208 6.10 8.34 -19.70
CA CYS B 208 5.41 7.99 -18.47
C CYS B 208 3.91 8.13 -18.70
N ASN B 209 3.19 7.07 -18.36
CA ASN B 209 1.74 7.01 -18.51
C ASN B 209 1.06 7.17 -17.17
N VAL B 210 0.39 8.32 -17.03
CA VAL B 210 -0.33 8.65 -15.82
C VAL B 210 -1.81 8.52 -16.10
N ALA B 211 -2.54 7.88 -15.19
CA ALA B 211 -3.97 7.66 -15.33
C ALA B 211 -4.65 7.94 -14.00
N HIS B 212 -5.58 8.88 -14.00
CA HIS B 212 -6.34 9.27 -12.81
C HIS B 212 -7.81 9.01 -13.15
N PRO B 213 -8.26 7.76 -12.94
CA PRO B 213 -9.64 7.31 -13.22
C PRO B 213 -10.77 8.21 -12.71
N ALA B 214 -10.59 8.78 -11.52
CA ALA B 214 -11.61 9.63 -10.92
C ALA B 214 -11.93 10.82 -11.82
N SER B 215 -10.90 11.34 -12.49
CA SER B 215 -11.08 12.48 -13.40
C SER B 215 -11.10 11.98 -14.84
N SER B 216 -10.83 10.69 -15.03
CA SER B 216 -10.81 10.09 -16.34
C SER B 216 -9.68 10.68 -17.18
N THR B 217 -8.58 11.04 -16.51
CA THR B 217 -7.43 11.60 -17.19
C THR B 217 -6.44 10.52 -17.56
N LYS B 218 -5.90 10.62 -18.76
CA LYS B 218 -4.90 9.68 -19.25
C LYS B 218 -3.91 10.56 -20.00
N VAL B 219 -2.68 10.61 -19.49
CA VAL B 219 -1.65 11.46 -20.08
C VAL B 219 -0.33 10.76 -20.31
N ASP B 220 0.31 11.12 -21.41
CA ASP B 220 1.60 10.59 -21.78
C ASP B 220 2.57 11.72 -21.95
N LYS B 221 3.70 11.63 -21.26
CA LYS B 221 4.74 12.63 -21.37
C LYS B 221 5.96 11.91 -21.86
N LYS B 222 6.55 12.42 -22.92
CA LYS B 222 7.76 11.82 -23.44
C LYS B 222 8.90 12.60 -22.78
N ILE B 223 9.78 11.88 -22.10
CA ILE B 223 10.92 12.49 -21.45
C ILE B 223 11.92 12.79 -22.53
N VAL B 224 11.97 14.07 -22.89
CA VAL B 224 12.85 14.57 -23.93
C VAL B 224 13.93 15.44 -23.27
N PRO B 225 15.14 15.49 -23.85
CA PRO B 225 16.30 16.25 -23.36
C PRO B 225 16.04 17.73 -23.11
N ARG B 226 16.65 18.24 -22.04
CA ARG B 226 16.50 19.64 -21.65
C ARG B 226 17.52 20.53 -22.37
N ASP B 227 17.19 21.82 -22.53
CA ASP B 227 18.06 22.82 -23.18
C ASP B 227 17.41 24.22 -23.25
N CYS B 228 17.00 24.63 -24.44
CA CYS B 228 16.35 25.93 -24.68
C CYS B 228 15.65 25.86 -26.05
N SER C 1 -18.28 -27.35 12.42
CA SER C 1 -17.36 -26.93 13.48
C SER C 1 -16.98 -25.45 13.35
N ILE C 2 -17.78 -24.61 13.99
CA ILE C 2 -17.60 -23.16 13.98
C ILE C 2 -17.35 -22.68 15.42
N GLY C 3 -16.77 -21.50 15.58
CA GLY C 3 -16.48 -20.96 16.90
C GLY C 3 -17.70 -20.72 17.76
N PRO C 4 -17.61 -20.89 19.10
CA PRO C 4 -18.73 -20.67 20.02
C PRO C 4 -19.39 -19.28 19.98
N GLY C 5 -18.62 -18.26 19.60
CA GLY C 5 -19.14 -16.89 19.56
C GLY C 5 -19.78 -16.44 18.27
N ARG C 6 -19.64 -17.24 17.22
CA ARG C 6 -20.20 -16.95 15.90
C ARG C 6 -21.73 -17.00 15.94
N ALA C 7 -22.36 -15.94 15.43
CA ALA C 7 -23.82 -15.85 15.39
C ALA C 7 -24.46 -16.94 14.54
N PHE C 8 -23.73 -17.41 13.54
CA PHE C 8 -24.24 -18.44 12.64
C PHE C 8 -23.34 -19.67 12.57
N GLY C 9 -23.95 -20.85 12.63
CA GLY C 9 -23.23 -22.11 12.55
C GLY C 9 -23.25 -22.70 11.15
N GLY C 10 -22.70 -23.91 10.99
CA GLY C 10 -22.65 -24.49 9.66
C GLY C 10 -23.46 -25.73 9.33
N GLY C 11 -24.25 -26.27 10.26
CA GLY C 11 -25.00 -27.48 9.96
C GLY C 11 -26.27 -27.79 10.73
#